data_9D7Q
#
_entry.id   9D7Q
#
_cell.length_a   50.170
_cell.length_b   113.596
_cell.length_c   67.524
_cell.angle_alpha   90.000
_cell.angle_beta   101.359
_cell.angle_gamma   90.000
#
_symmetry.space_group_name_H-M   'P 1 21 1'
#
loop_
_entity.id
_entity.type
_entity.pdbx_description
1 polymer 'Serine/threonine-protein kinase WNK3'
2 water water
#
_entity_poly.entity_id   1
_entity_poly.type   'polypeptide(L)'
_entity_poly.pdbx_seq_one_letter_code
;EEEAEMKAVATSPSGRFLKFDIELGRGAFKTVYKGLDTETWVEVAWCELQDRKLTKAEQQRFKEEAEMLKGLQHPNIVRF
YDSWESILKGKKCIVLVTELMTSGTLKTYLKRFKVMKPKVLRSWCRQILKGLQFLHTRTPPIIHRDLKCNNIFITGPTGS
VKIGDLGLATLMRTSFAKSVIGTPAFMAPEMYEEHFDESVDVYAFGMCMLEMATSEYPYSECQNAAQIYRKVTSGIKPAS
FNKVTDPEVKEIIEGCIRQNKSERLSIRDLLNHAFFAEDT
;
_entity_poly.pdbx_strand_id   A,B
#
# COMPACT_ATOMS: atom_id res chain seq x y z
N GLU A 1 34.25 24.55 28.27
CA GLU A 1 33.72 24.00 29.54
C GLU A 1 34.73 23.01 30.10
N GLU A 2 35.46 23.45 31.14
CA GLU A 2 36.50 22.70 31.82
C GLU A 2 37.49 22.14 30.79
N GLU A 3 37.67 20.81 30.83
CA GLU A 3 38.51 20.09 29.87
C GLU A 3 37.96 18.67 29.64
N ALA A 4 38.35 18.07 28.51
CA ALA A 4 37.91 16.72 28.16
C ALA A 4 38.92 16.03 27.26
N GLU A 5 39.10 14.72 27.49
CA GLU A 5 39.72 13.81 26.55
C GLU A 5 38.65 13.34 25.56
N MET A 6 39.07 12.78 24.43
CA MET A 6 38.13 12.27 23.47
C MET A 6 37.79 10.82 23.83
N LYS A 7 38.79 9.92 23.73
CA LYS A 7 38.59 8.47 23.81
C LYS A 7 37.22 8.08 23.22
N ALA A 8 36.97 8.58 22.01
CA ALA A 8 35.79 8.26 21.23
C ALA A 8 36.17 7.24 20.15
N VAL A 9 35.17 6.51 19.65
CA VAL A 9 35.42 5.37 18.79
C VAL A 9 35.18 5.75 17.33
N ALA A 10 34.36 6.80 17.10
CA ALA A 10 34.15 7.36 15.77
C ALA A 10 33.69 8.82 15.83
N THR A 11 33.68 9.47 14.67
CA THR A 11 33.34 10.87 14.56
C THR A 11 32.54 11.13 13.28
N SER A 12 31.68 12.15 13.35
CA SER A 12 30.95 12.70 12.22
C SER A 12 31.93 13.15 11.12
N PRO A 13 31.62 12.94 9.82
CA PRO A 13 32.40 13.51 8.73
C PRO A 13 32.75 15.00 8.89
N SER A 14 31.91 15.74 9.61
CA SER A 14 32.13 17.16 9.87
C SER A 14 33.13 17.33 11.00
N GLY A 15 33.24 16.30 11.84
CA GLY A 15 34.18 16.27 12.95
C GLY A 15 33.52 16.82 14.22
N ARG A 16 32.22 17.07 14.10
CA ARG A 16 31.53 17.81 15.12
C ARG A 16 31.15 16.89 16.28
N PHE A 17 30.86 15.62 15.99
CA PHE A 17 30.25 14.77 16.99
C PHE A 17 31.05 13.50 17.15
N LEU A 18 31.07 12.96 18.38
CA LEU A 18 31.88 11.81 18.71
C LEU A 18 31.00 10.71 19.25
N LYS A 19 31.37 9.45 18.93
CA LYS A 19 30.62 8.28 19.34
C LYS A 19 31.36 7.52 20.43
N PHE A 20 30.62 7.12 21.47
CA PHE A 20 31.17 6.28 22.52
C PHE A 20 30.54 4.89 22.40
N ASP A 21 31.29 3.84 22.78
CA ASP A 21 30.77 2.48 22.78
C ASP A 21 29.89 2.30 24.03
N ILE A 22 28.96 3.24 24.20
CA ILE A 22 27.97 3.23 25.26
C ILE A 22 26.59 3.22 24.60
N GLU A 23 26.10 2.00 24.29
CA GLU A 23 24.77 1.78 23.74
C GLU A 23 23.72 2.30 24.72
N LEU A 24 22.73 3.04 24.20
CA LEU A 24 21.65 3.60 24.99
C LEU A 24 20.37 2.76 24.86
N GLY A 25 20.01 2.35 23.64
CA GLY A 25 18.82 1.52 23.43
C GLY A 25 18.89 0.76 22.11
N ARG A 26 18.06 -0.28 21.98
CA ARG A 26 18.10 -1.14 20.80
C ARG A 26 16.69 -1.48 20.32
N GLY A 27 16.29 -0.82 19.22
CA GLY A 27 14.93 -0.92 18.71
C GLY A 27 14.83 -1.91 17.55
N ALA A 28 14.35 -1.39 16.40
CA ALA A 28 14.07 -2.13 15.19
C ALA A 28 15.39 -2.59 14.54
N PHE A 29 15.84 -1.78 13.59
CA PHE A 29 17.16 -1.90 13.01
C PHE A 29 17.98 -0.71 13.48
N LYS A 30 17.51 -0.10 14.57
CA LYS A 30 18.15 1.05 15.18
C LYS A 30 18.91 0.64 16.44
N THR A 31 20.03 1.33 16.66
CA THR A 31 20.80 1.25 17.89
C THR A 31 21.27 2.66 18.21
N VAL A 32 20.87 3.18 19.38
CA VAL A 32 21.30 4.52 19.75
C VAL A 32 22.49 4.43 20.70
N TYR A 33 23.51 5.26 20.41
CA TYR A 33 24.70 5.40 21.24
C TYR A 33 24.78 6.81 21.78
N LYS A 34 25.52 6.97 22.90
CA LYS A 34 25.80 8.27 23.49
C LYS A 34 26.88 8.95 22.66
N GLY A 35 26.86 10.29 22.64
CA GLY A 35 27.81 11.04 21.84
C GLY A 35 27.93 12.47 22.35
N LEU A 36 28.88 13.22 21.75
CA LEU A 36 29.21 14.58 22.16
C LEU A 36 29.30 15.52 20.97
N ASP A 37 28.73 16.72 21.13
CA ASP A 37 28.91 17.81 20.19
C ASP A 37 30.09 18.65 20.65
N THR A 38 31.21 18.52 19.93
CA THR A 38 32.46 19.17 20.26
C THR A 38 32.28 20.70 20.36
N GLU A 39 31.29 21.22 19.63
CA GLU A 39 31.05 22.66 19.52
C GLU A 39 30.34 23.20 20.75
N THR A 40 29.41 22.41 21.31
CA THR A 40 28.58 22.90 22.40
C THR A 40 28.91 22.18 23.69
N TRP A 41 29.66 21.08 23.58
CA TRP A 41 30.00 20.22 24.71
C TRP A 41 28.76 19.59 25.32
N VAL A 42 27.70 19.41 24.49
CA VAL A 42 26.43 18.90 24.96
C VAL A 42 26.29 17.46 24.53
N GLU A 43 25.73 16.60 25.41
CA GLU A 43 25.56 15.18 25.11
C GLU A 43 24.47 14.99 24.05
N VAL A 44 24.72 14.09 23.11
CA VAL A 44 23.89 14.00 21.92
C VAL A 44 23.63 12.53 21.61
N ALA A 45 22.69 12.26 20.69
CA ALA A 45 22.26 10.92 20.34
C ALA A 45 22.82 10.49 18.98
N TRP A 46 23.55 9.36 18.98
CA TRP A 46 24.18 8.78 17.81
C TRP A 46 23.39 7.54 17.37
N CYS A 47 22.53 7.71 16.37
CA CYS A 47 21.63 6.65 15.94
C CYS A 47 22.30 5.90 14.80
N GLU A 48 22.75 4.70 15.14
CA GLU A 48 23.12 3.72 14.15
C GLU A 48 21.81 3.03 13.75
N LEU A 49 21.39 3.30 12.52
CA LEU A 49 20.29 2.56 11.91
C LEU A 49 20.88 1.37 11.18
N GLN A 50 20.10 0.82 10.23
CA GLN A 50 20.58 -0.31 9.46
C GLN A 50 20.36 -0.05 7.97
N ASP A 51 20.63 -1.08 7.17
CA ASP A 51 20.47 -0.97 5.73
C ASP A 51 19.02 -1.26 5.38
N ARG A 52 18.36 -0.26 4.80
CA ARG A 52 16.98 -0.45 4.36
C ARG A 52 16.96 -0.61 2.83
N LYS A 53 17.99 -1.27 2.27
CA LYS A 53 18.12 -1.47 0.83
C LYS A 53 17.57 -0.25 0.08
N LEU A 54 17.98 0.93 0.54
CA LEU A 54 17.58 2.22 0.00
C LEU A 54 17.77 2.19 -1.51
N THR A 55 16.68 2.40 -2.27
CA THR A 55 16.73 2.37 -3.73
C THR A 55 17.88 3.25 -4.20
N LYS A 56 17.58 4.53 -4.40
CA LYS A 56 18.61 5.51 -4.71
C LYS A 56 17.93 6.86 -4.88
N ALA A 57 16.87 6.88 -5.68
CA ALA A 57 16.05 8.07 -5.77
C ALA A 57 15.74 8.55 -4.36
N GLU A 58 15.31 7.60 -3.51
CA GLU A 58 14.91 7.90 -2.15
C GLU A 58 16.11 8.41 -1.35
N GLN A 59 17.32 7.92 -1.67
CA GLN A 59 18.53 8.41 -1.02
C GLN A 59 18.57 9.93 -1.22
N GLN A 60 18.44 10.36 -2.48
CA GLN A 60 18.40 11.78 -2.79
C GLN A 60 17.33 12.46 -1.93
N ARG A 61 16.11 11.89 -1.89
CA ARG A 61 15.00 12.45 -1.13
C ARG A 61 15.40 12.63 0.33
N PHE A 62 16.03 11.59 0.90
CA PHE A 62 16.44 11.63 2.30
C PHE A 62 17.39 12.82 2.54
N LYS A 63 18.43 12.93 1.71
CA LYS A 63 19.36 14.04 1.79
C LYS A 63 18.57 15.35 1.79
N GLU A 64 17.63 15.50 0.84
CA GLU A 64 16.85 16.71 0.71
C GLU A 64 16.03 16.93 1.98
N GLU A 65 15.54 15.84 2.59
CA GLU A 65 14.83 15.93 3.85
C GLU A 65 15.78 16.42 4.94
N ALA A 66 16.90 15.71 5.10
CA ALA A 66 17.92 15.99 6.11
C ALA A 66 18.15 17.50 6.21
N GLU A 67 18.57 18.11 5.09
CA GLU A 67 18.79 19.55 5.01
C GLU A 67 17.68 20.28 5.77
N MET A 68 16.43 20.14 5.28
CA MET A 68 15.32 20.81 5.93
C MET A 68 15.38 20.58 7.43
N LEU A 69 15.41 19.30 7.81
CA LEU A 69 15.30 18.87 9.19
C LEU A 69 16.39 19.52 10.05
N LYS A 70 17.61 19.57 9.52
CA LYS A 70 18.73 20.17 10.25
C LYS A 70 18.43 21.64 10.54
N GLY A 71 17.78 22.30 9.58
CA GLY A 71 17.43 23.71 9.62
C GLY A 71 16.31 24.01 10.62
N LEU A 72 15.60 22.97 11.02
CA LEU A 72 14.43 23.11 11.87
C LEU A 72 14.83 23.33 13.34
N GLN A 73 14.12 24.26 14.01
CA GLN A 73 14.33 24.60 15.40
C GLN A 73 13.02 25.06 16.00
N HIS A 74 12.45 24.21 16.87
CA HIS A 74 11.23 24.55 17.56
C HIS A 74 11.25 23.91 18.94
N PRO A 75 10.66 24.61 19.94
CA PRO A 75 10.60 24.12 21.30
C PRO A 75 9.98 22.74 21.47
N ASN A 76 9.48 22.18 20.38
CA ASN A 76 8.77 20.91 20.45
C ASN A 76 9.11 20.02 19.27
N ILE A 77 10.34 20.17 18.73
CA ILE A 77 10.87 19.27 17.73
C ILE A 77 12.29 18.90 18.12
N VAL A 78 12.49 17.64 18.52
CA VAL A 78 13.81 17.13 18.84
C VAL A 78 14.76 17.42 17.68
N ARG A 79 15.65 18.39 17.91
CA ARG A 79 16.50 18.96 16.89
C ARG A 79 17.27 17.85 16.16
N PHE A 80 17.37 18.01 14.84
CA PHE A 80 18.18 17.10 14.04
C PHE A 80 19.47 17.82 13.69
N TYR A 81 20.59 17.12 13.88
CA TYR A 81 21.91 17.72 13.70
C TYR A 81 22.55 17.28 12.39
N ASP A 82 22.62 15.97 12.14
CA ASP A 82 23.33 15.48 10.95
C ASP A 82 23.05 14.01 10.67
N SER A 83 23.33 13.57 9.43
CA SER A 83 23.20 12.20 8.96
C SER A 83 24.24 11.91 7.88
N TRP A 84 24.65 10.64 7.75
CA TRP A 84 25.57 10.25 6.69
C TRP A 84 25.55 8.74 6.50
N GLU A 85 26.08 8.30 5.34
CA GLU A 85 26.14 6.91 4.92
C GLU A 85 27.50 6.31 5.31
N SER A 86 27.44 5.14 5.96
CA SER A 86 28.57 4.51 6.61
C SER A 86 28.50 3.00 6.37
N ILE A 87 29.64 2.28 6.47
CA ILE A 87 29.55 0.82 6.42
C ILE A 87 29.99 0.25 7.76
N LEU A 88 29.08 0.23 8.75
CA LEU A 88 29.37 -0.45 10.02
C LEU A 88 29.10 -1.96 9.87
N LYS A 89 29.72 -2.75 10.75
CA LYS A 89 29.68 -4.22 10.69
C LYS A 89 30.06 -4.67 9.29
N GLY A 90 29.08 -5.10 8.49
CA GLY A 90 29.37 -5.41 7.10
C GLY A 90 28.33 -4.79 6.17
N LYS A 91 27.43 -3.97 6.75
CA LYS A 91 26.20 -3.54 6.08
C LYS A 91 26.11 -2.03 6.00
N LYS A 92 25.59 -1.54 4.86
CA LYS A 92 25.51 -0.12 4.54
C LYS A 92 24.53 0.57 5.48
N CYS A 93 25.05 1.29 6.48
CA CYS A 93 24.23 1.94 7.48
C CYS A 93 24.07 3.43 7.22
N ILE A 94 23.00 3.96 7.78
CA ILE A 94 22.84 5.39 7.86
C ILE A 94 22.95 5.77 9.33
N VAL A 95 23.72 6.82 9.61
CA VAL A 95 23.87 7.32 10.96
C VAL A 95 23.17 8.67 11.03
N LEU A 96 22.38 8.88 12.08
CA LEU A 96 21.72 10.15 12.36
C LEU A 96 22.22 10.69 13.69
N VAL A 97 22.28 12.02 13.80
CA VAL A 97 22.66 12.61 15.07
C VAL A 97 21.66 13.69 15.43
N THR A 98 21.11 13.59 16.65
CA THR A 98 19.96 14.37 17.07
C THR A 98 20.11 14.79 18.52
N GLU A 99 19.26 15.75 18.94
CA GLU A 99 19.12 16.15 20.33
C GLU A 99 18.82 14.91 21.16
N LEU A 100 19.61 14.71 22.22
CA LEU A 100 19.47 13.54 23.05
C LEU A 100 18.31 13.77 24.01
N MET A 101 17.37 12.83 24.01
CA MET A 101 16.26 12.90 24.93
C MET A 101 16.45 11.84 26.00
N THR A 102 16.32 12.26 27.27
CA THR A 102 16.78 11.44 28.36
C THR A 102 15.64 10.90 29.19
N SER A 103 14.42 11.46 29.05
CA SER A 103 13.40 11.22 30.06
C SER A 103 12.30 10.27 29.58
N GLY A 104 12.58 9.55 28.50
CA GLY A 104 11.69 8.50 28.03
C GLY A 104 10.48 9.09 27.31
N THR A 105 9.73 8.20 26.65
CA THR A 105 8.60 8.60 25.83
C THR A 105 7.36 8.69 26.73
N LEU A 106 6.23 9.14 26.15
CA LEU A 106 4.96 9.16 26.85
C LEU A 106 4.62 7.76 27.33
N LYS A 107 4.87 6.80 26.43
CA LYS A 107 4.57 5.40 26.66
C LYS A 107 5.29 4.95 27.94
N THR A 108 6.61 5.09 27.96
CA THR A 108 7.37 4.75 29.15
C THR A 108 6.74 5.50 30.33
N TYR A 109 6.37 6.76 30.09
CA TYR A 109 5.75 7.62 31.08
C TYR A 109 4.46 6.95 31.57
N LEU A 110 3.64 6.48 30.63
CA LEU A 110 2.36 5.83 30.95
C LEU A 110 2.58 4.52 31.70
N LYS A 111 3.57 3.73 31.27
CA LYS A 111 3.85 2.45 31.92
C LYS A 111 4.23 2.70 33.38
N ARG A 112 4.74 3.90 33.67
CA ARG A 112 5.28 4.20 34.97
C ARG A 112 4.24 4.92 35.83
N PHE A 113 3.72 6.02 35.30
CA PHE A 113 2.79 6.87 36.02
C PHE A 113 1.37 6.29 35.93
N LYS A 114 1.17 5.27 35.10
CA LYS A 114 -0.05 4.46 35.03
C LYS A 114 -1.22 5.21 34.39
N VAL A 115 -1.60 6.36 34.98
CA VAL A 115 -2.70 7.20 34.50
C VAL A 115 -2.21 8.64 34.38
N MET A 116 -2.98 9.49 33.68
CA MET A 116 -2.55 10.85 33.40
C MET A 116 -3.62 11.87 33.83
N LYS A 117 -3.18 12.91 34.53
CA LYS A 117 -4.09 13.93 35.05
C LYS A 117 -4.47 14.91 33.96
N PRO A 118 -5.69 15.50 34.05
CA PRO A 118 -6.20 16.39 32.99
C PRO A 118 -5.20 17.44 32.56
N LYS A 119 -4.65 18.14 33.57
CA LYS A 119 -3.70 19.23 33.36
C LYS A 119 -2.57 18.76 32.44
N VAL A 120 -2.09 17.53 32.64
CA VAL A 120 -0.96 17.04 31.89
C VAL A 120 -1.35 16.95 30.42
N LEU A 121 -2.41 16.16 30.18
CA LEU A 121 -2.89 15.84 28.84
C LEU A 121 -3.22 17.14 28.10
N ARG A 122 -3.82 18.10 28.82
CA ARG A 122 -4.15 19.38 28.24
C ARG A 122 -2.88 20.05 27.69
N SER A 123 -1.83 20.12 28.53
CA SER A 123 -0.63 20.88 28.21
C SER A 123 0.20 20.15 27.17
N TRP A 124 0.58 18.90 27.47
CA TRP A 124 1.40 18.10 26.59
C TRP A 124 0.78 17.95 25.20
N CYS A 125 -0.55 17.80 25.15
CA CYS A 125 -1.25 17.72 23.87
C CYS A 125 -1.08 19.01 23.08
N ARG A 126 -1.32 20.14 23.75
CA ARG A 126 -1.21 21.44 23.10
C ARG A 126 0.16 21.52 22.47
N GLN A 127 1.15 21.12 23.29
CA GLN A 127 2.56 21.19 22.91
C GLN A 127 2.76 20.40 21.62
N ILE A 128 2.14 19.22 21.53
CA ILE A 128 2.28 18.41 20.34
C ILE A 128 1.68 19.16 19.16
N LEU A 129 0.46 19.69 19.34
CA LEU A 129 -0.24 20.40 18.28
C LEU A 129 0.63 21.53 17.75
N LYS A 130 1.19 22.31 18.68
CA LYS A 130 2.05 23.42 18.32
C LYS A 130 3.16 22.90 17.39
N GLY A 131 3.78 21.77 17.78
CA GLY A 131 4.90 21.21 17.04
C GLY A 131 4.50 20.90 15.60
N LEU A 132 3.32 20.28 15.49
CA LEU A 132 2.81 19.81 14.22
C LEU A 132 2.60 21.00 13.29
N GLN A 133 1.91 22.00 13.83
CA GLN A 133 1.61 23.16 13.03
C GLN A 133 2.91 23.70 12.47
N PHE A 134 3.95 23.66 13.30
CA PHE A 134 5.27 24.12 12.90
C PHE A 134 5.75 23.33 11.67
N LEU A 135 5.74 22.00 11.79
CA LEU A 135 6.16 21.14 10.69
C LEU A 135 5.33 21.38 9.43
N HIS A 136 4.00 21.47 9.60
CA HIS A 136 3.08 21.57 8.49
C HIS A 136 3.20 22.91 7.79
N THR A 137 3.70 23.92 8.50
CA THR A 137 3.77 25.25 7.94
C THR A 137 5.20 25.50 7.44
N ARG A 138 6.05 24.46 7.56
CA ARG A 138 7.34 24.58 6.92
C ARG A 138 7.07 24.79 5.45
N THR A 139 8.10 25.23 4.76
CA THR A 139 7.97 25.37 3.34
C THR A 139 9.04 24.50 2.67
N PRO A 140 8.66 23.40 1.97
CA PRO A 140 7.27 22.99 1.88
C PRO A 140 6.82 22.26 3.14
N PRO A 141 5.49 22.01 3.32
CA PRO A 141 4.99 21.46 4.56
C PRO A 141 5.50 20.07 4.82
N ILE A 142 5.91 19.79 6.05
CA ILE A 142 6.51 18.51 6.33
C ILE A 142 5.51 17.69 7.12
N ILE A 143 5.28 16.44 6.68
CA ILE A 143 4.28 15.58 7.30
C ILE A 143 5.00 14.48 8.07
N HIS A 144 4.71 14.37 9.38
CA HIS A 144 5.37 13.36 10.19
C HIS A 144 5.19 11.99 9.57
N ARG A 145 3.92 11.67 9.24
CA ARG A 145 3.57 10.40 8.64
C ARG A 145 3.71 9.27 9.65
N ASP A 146 4.06 9.59 10.90
CA ASP A 146 4.22 8.51 11.86
C ASP A 146 4.27 9.03 13.30
N LEU A 147 3.20 9.68 13.72
CA LEU A 147 3.18 10.06 15.12
C LEU A 147 2.67 8.91 15.98
N LYS A 148 3.38 8.67 17.09
CA LYS A 148 2.98 7.70 18.11
C LYS A 148 3.54 8.12 19.47
N CYS A 149 2.98 7.54 20.55
CA CYS A 149 3.29 7.93 21.93
C CYS A 149 4.74 7.63 22.29
N ASN A 150 5.35 6.70 21.56
CA ASN A 150 6.70 6.25 21.86
C ASN A 150 7.77 7.04 21.07
N ASN A 151 7.36 8.02 20.26
CA ASN A 151 8.29 8.94 19.62
C ASN A 151 7.89 10.37 19.99
N ILE A 152 7.06 10.48 21.01
CA ILE A 152 6.84 11.74 21.69
C ILE A 152 7.64 11.63 22.98
N PHE A 153 8.70 12.44 23.06
CA PHE A 153 9.63 12.42 24.17
C PHE A 153 9.38 13.61 25.09
N ILE A 154 9.65 13.39 26.39
CA ILE A 154 9.37 14.38 27.42
C ILE A 154 10.72 14.94 27.90
N THR A 155 10.76 16.26 28.12
CA THR A 155 11.95 16.90 28.65
C THR A 155 12.13 16.51 30.12
N GLY A 156 11.08 16.71 30.93
CA GLY A 156 11.06 16.23 32.29
C GLY A 156 9.66 15.75 32.69
N PRO A 157 9.54 14.82 33.68
CA PRO A 157 8.23 14.48 34.24
C PRO A 157 7.36 15.71 34.53
N THR A 158 8.04 16.80 34.91
CA THR A 158 7.44 18.08 35.21
C THR A 158 7.67 19.05 34.05
N GLY A 159 8.15 18.54 32.91
CA GLY A 159 8.74 19.36 31.86
C GLY A 159 7.79 19.59 30.68
N SER A 160 8.35 19.49 29.47
CA SER A 160 7.61 19.65 28.22
C SER A 160 7.80 18.42 27.35
N VAL A 161 7.14 18.42 26.18
CA VAL A 161 7.23 17.31 25.24
C VAL A 161 7.78 17.83 23.91
N LYS A 162 8.27 16.90 23.09
CA LYS A 162 8.84 17.20 21.79
C LYS A 162 8.68 15.98 20.89
N ILE A 163 8.35 16.23 19.62
CA ILE A 163 8.16 15.20 18.61
C ILE A 163 9.52 14.73 18.11
N GLY A 164 9.72 13.40 18.04
CA GLY A 164 11.00 12.89 17.62
C GLY A 164 10.91 12.02 16.35
N ASP A 165 11.86 11.09 16.24
CA ASP A 165 12.02 10.15 15.14
C ASP A 165 11.67 10.84 13.83
N LEU A 166 12.58 11.68 13.36
CA LEU A 166 12.23 12.74 12.45
C LEU A 166 12.20 12.29 10.99
N GLY A 167 13.19 11.49 10.57
CA GLY A 167 13.28 11.15 9.17
C GLY A 167 12.81 9.73 8.88
N LEU A 168 12.57 8.96 9.95
CA LEU A 168 12.50 7.51 9.89
C LEU A 168 11.44 7.05 8.90
N ALA A 169 10.43 7.90 8.67
CA ALA A 169 9.37 7.67 7.71
C ALA A 169 9.96 7.33 6.34
N THR A 170 10.82 8.24 5.84
CA THR A 170 11.44 8.02 4.55
C THR A 170 12.43 6.87 4.68
N LEU A 171 13.37 6.98 5.61
CA LEU A 171 14.41 5.99 5.85
C LEU A 171 13.84 4.58 5.94
N MET A 172 13.20 4.24 7.06
CA MET A 172 12.37 3.05 7.06
C MET A 172 11.12 3.39 6.24
N ARG A 173 10.99 2.77 5.05
CA ARG A 173 10.02 3.11 4.02
C ARG A 173 8.62 3.33 4.61
N ALA A 185 1.38 -10.42 -7.23
CA ALA A 185 1.58 -10.31 -8.69
C ALA A 185 2.66 -9.26 -9.00
N PHE A 186 2.87 -8.96 -10.28
CA PHE A 186 3.49 -7.68 -10.65
C PHE A 186 2.33 -6.68 -10.83
N MET A 187 2.61 -5.40 -10.54
CA MET A 187 1.65 -4.31 -10.74
C MET A 187 2.41 -3.06 -11.18
N ALA A 188 1.69 -2.10 -11.77
CA ALA A 188 2.30 -0.86 -12.24
C ALA A 188 2.97 -0.10 -11.08
N PRO A 189 4.12 0.57 -11.33
CA PRO A 189 4.83 1.29 -10.27
C PRO A 189 3.91 2.14 -9.40
N GLU A 190 3.02 2.90 -10.04
CA GLU A 190 2.20 3.85 -9.31
C GLU A 190 1.35 3.15 -8.26
N MET A 191 1.50 1.83 -8.15
CA MET A 191 0.71 1.08 -7.18
C MET A 191 1.45 1.03 -5.85
N TYR A 192 2.75 1.32 -5.89
CA TYR A 192 3.60 1.29 -4.71
C TYR A 192 3.67 2.69 -4.10
N GLU A 193 2.97 3.63 -4.74
CA GLU A 193 2.88 5.02 -4.30
C GLU A 193 1.99 5.13 -3.06
N GLU A 194 2.57 5.68 -1.98
CA GLU A 194 1.86 6.01 -0.75
C GLU A 194 1.53 7.50 -0.76
N HIS A 195 0.23 7.82 -0.68
CA HIS A 195 -0.23 9.18 -0.77
C HIS A 195 -0.73 9.64 0.60
N PHE A 196 -0.10 10.70 1.12
CA PHE A 196 -0.36 11.20 2.46
C PHE A 196 -0.72 12.67 2.36
N ASP A 197 -1.22 13.23 3.46
CA ASP A 197 -1.32 14.66 3.63
C ASP A 197 -1.39 14.96 5.12
N GLU A 198 -1.28 16.25 5.46
CA GLU A 198 -1.38 16.73 6.82
C GLU A 198 -2.42 15.96 7.63
N SER A 199 -3.54 15.62 7.00
CA SER A 199 -4.66 15.18 7.80
C SER A 199 -4.39 13.80 8.40
N VAL A 200 -3.41 13.12 7.82
CA VAL A 200 -3.05 11.80 8.30
C VAL A 200 -2.40 11.97 9.66
N ASP A 201 -1.77 13.13 9.85
CA ASP A 201 -1.10 13.47 11.11
C ASP A 201 -2.14 13.83 12.18
N VAL A 202 -3.22 14.48 11.76
CA VAL A 202 -4.30 14.77 12.67
C VAL A 202 -4.89 13.45 13.15
N TYR A 203 -5.04 12.50 12.23
CA TYR A 203 -5.61 11.22 12.59
C TYR A 203 -4.73 10.58 13.65
N ALA A 204 -3.43 10.57 13.37
CA ALA A 204 -2.44 10.02 14.29
C ALA A 204 -2.60 10.69 15.65
N PHE A 205 -2.70 12.02 15.65
CA PHE A 205 -2.67 12.79 16.86
C PHE A 205 -3.84 12.40 17.76
N GLY A 206 -5.01 12.30 17.14
CA GLY A 206 -6.20 11.90 17.87
C GLY A 206 -5.95 10.55 18.55
N MET A 207 -5.35 9.61 17.82
CA MET A 207 -5.17 8.29 18.36
C MET A 207 -4.28 8.38 19.59
N CYS A 208 -3.26 9.24 19.49
CA CYS A 208 -2.29 9.46 20.55
C CYS A 208 -2.96 10.03 21.79
N MET A 209 -3.76 11.09 21.58
CA MET A 209 -4.49 11.73 22.65
C MET A 209 -5.36 10.71 23.37
N LEU A 210 -6.03 9.87 22.58
CA LEU A 210 -6.93 8.87 23.13
C LEU A 210 -6.15 7.91 24.04
N GLU A 211 -5.02 7.40 23.55
CA GLU A 211 -4.24 6.47 24.33
C GLU A 211 -3.80 7.14 25.63
N MET A 212 -3.35 8.39 25.54
CA MET A 212 -2.93 9.12 26.74
C MET A 212 -4.08 9.24 27.72
N ALA A 213 -5.30 9.45 27.19
CA ALA A 213 -6.48 9.71 27.99
C ALA A 213 -7.00 8.44 28.67
N THR A 214 -6.78 7.29 28.06
CA THR A 214 -7.39 6.09 28.59
C THR A 214 -6.33 5.15 29.15
N SER A 215 -5.07 5.50 28.92
CA SER A 215 -3.96 4.64 29.30
C SER A 215 -4.18 3.26 28.67
N GLU A 216 -4.68 3.25 27.43
CA GLU A 216 -4.98 2.03 26.68
C GLU A 216 -4.64 2.25 25.22
N TYR A 217 -3.95 1.26 24.64
CA TYR A 217 -3.61 1.32 23.23
C TYR A 217 -4.88 1.11 22.39
N PRO A 218 -5.20 2.05 21.45
CA PRO A 218 -6.38 1.93 20.61
C PRO A 218 -6.44 0.60 19.85
N TYR A 219 -7.59 -0.08 19.94
CA TYR A 219 -7.88 -1.30 19.19
C TYR A 219 -7.13 -2.47 19.82
N SER A 220 -6.84 -2.36 21.12
CA SER A 220 -6.37 -3.47 21.91
C SER A 220 -7.24 -4.70 21.67
N GLU A 221 -8.54 -4.44 21.52
CA GLU A 221 -9.51 -5.52 21.46
C GLU A 221 -9.13 -6.43 20.31
N CYS A 222 -8.65 -5.82 19.22
CA CYS A 222 -8.36 -6.54 18.00
C CYS A 222 -7.24 -7.54 18.24
N GLN A 223 -7.22 -8.60 17.41
CA GLN A 223 -6.41 -9.78 17.64
C GLN A 223 -5.34 -9.91 16.56
N ASN A 224 -5.62 -9.39 15.36
CA ASN A 224 -4.68 -9.45 14.25
C ASN A 224 -4.87 -8.22 13.37
N ALA A 225 -3.92 -7.98 12.48
CA ALA A 225 -3.87 -6.81 11.61
C ALA A 225 -5.16 -6.63 10.79
N ALA A 226 -5.56 -7.73 10.13
CA ALA A 226 -6.65 -7.74 9.15
C ALA A 226 -7.97 -7.36 9.82
N GLN A 227 -8.10 -7.72 11.11
CA GLN A 227 -9.26 -7.38 11.90
C GLN A 227 -9.37 -5.86 12.03
N ILE A 228 -8.23 -5.24 12.31
CA ILE A 228 -8.23 -3.81 12.53
C ILE A 228 -8.63 -3.11 11.22
N TYR A 229 -8.14 -3.64 10.10
CA TYR A 229 -8.41 -3.09 8.78
C TYR A 229 -9.91 -2.88 8.64
N ARG A 230 -10.67 -3.97 8.85
CA ARG A 230 -12.12 -3.92 8.76
C ARG A 230 -12.65 -2.76 9.58
N LYS A 231 -12.42 -2.80 10.90
CA LYS A 231 -12.99 -1.83 11.83
C LYS A 231 -12.73 -0.41 11.33
N VAL A 232 -11.48 -0.14 10.96
CA VAL A 232 -11.07 1.19 10.55
C VAL A 232 -11.74 1.62 9.25
N THR A 233 -11.69 0.76 8.23
CA THR A 233 -12.17 1.08 6.89
C THR A 233 -13.69 1.17 6.91
N SER A 234 -14.28 0.60 7.96
CA SER A 234 -15.72 0.63 8.17
C SER A 234 -16.07 1.67 9.23
N GLY A 235 -15.06 2.34 9.78
CA GLY A 235 -15.22 3.47 10.68
C GLY A 235 -15.85 3.09 12.02
N ILE A 236 -15.51 1.89 12.52
CA ILE A 236 -15.90 1.51 13.86
C ILE A 236 -14.81 1.98 14.82
N LYS A 237 -15.20 2.70 15.88
CA LYS A 237 -14.22 3.32 16.78
C LYS A 237 -13.63 2.27 17.71
N PRO A 238 -12.42 2.50 18.29
CA PRO A 238 -11.80 1.53 19.20
C PRO A 238 -12.54 1.41 20.52
N ALA A 239 -12.47 0.24 21.18
CA ALA A 239 -13.28 0.04 22.38
C ALA A 239 -12.91 1.06 23.45
N SER A 240 -11.65 1.50 23.40
CA SER A 240 -11.10 2.51 24.27
C SER A 240 -11.95 3.77 24.20
N PHE A 241 -12.37 4.14 22.98
CA PHE A 241 -13.03 5.41 22.73
C PHE A 241 -14.13 5.62 23.77
N ASN A 242 -14.92 4.56 23.99
CA ASN A 242 -16.06 4.57 24.88
C ASN A 242 -15.62 4.85 26.31
N LYS A 243 -14.39 4.44 26.64
CA LYS A 243 -13.86 4.53 27.99
C LYS A 243 -13.41 5.97 28.31
N VAL A 244 -13.60 6.91 27.38
CA VAL A 244 -13.20 8.31 27.59
C VAL A 244 -14.15 8.96 28.59
N THR A 245 -13.58 9.64 29.61
CA THR A 245 -14.37 10.12 30.74
C THR A 245 -14.91 11.54 30.48
N ASP A 246 -13.99 12.52 30.37
CA ASP A 246 -14.37 13.89 30.08
C ASP A 246 -14.97 13.97 28.69
N PRO A 247 -16.20 14.50 28.55
CA PRO A 247 -16.86 14.62 27.25
C PRO A 247 -16.27 15.67 26.31
N GLU A 248 -15.56 16.66 26.85
CA GLU A 248 -14.93 17.69 26.02
C GLU A 248 -13.74 17.10 25.27
N VAL A 249 -12.99 16.22 25.94
CA VAL A 249 -11.90 15.46 25.36
C VAL A 249 -12.47 14.57 24.25
N LYS A 250 -13.56 13.86 24.58
CA LYS A 250 -14.16 12.91 23.67
C LYS A 250 -14.45 13.59 22.34
N GLU A 251 -14.91 14.86 22.42
CA GLU A 251 -15.20 15.72 21.27
C GLU A 251 -14.00 15.73 20.33
N ILE A 252 -12.86 16.20 20.87
CA ILE A 252 -11.63 16.42 20.15
C ILE A 252 -11.17 15.12 19.51
N ILE A 253 -11.19 14.05 20.29
CA ILE A 253 -10.69 12.76 19.86
C ILE A 253 -11.50 12.35 18.64
N GLU A 254 -12.83 12.44 18.75
CA GLU A 254 -13.70 12.05 17.66
C GLU A 254 -13.36 12.87 16.43
N GLY A 255 -13.34 14.20 16.60
CA GLY A 255 -13.15 15.13 15.50
C GLY A 255 -11.88 14.82 14.71
N CYS A 256 -10.91 14.24 15.42
CA CYS A 256 -9.60 13.97 14.84
C CYS A 256 -9.61 12.68 14.05
N ILE A 257 -10.38 11.70 14.53
CA ILE A 257 -10.23 10.34 14.04
C ILE A 257 -11.32 10.02 13.02
N ARG A 258 -12.04 11.08 12.58
CA ARG A 258 -13.09 10.97 11.59
C ARG A 258 -12.60 10.24 10.35
N GLN A 259 -13.40 9.26 9.90
CA GLN A 259 -12.98 8.32 8.87
C GLN A 259 -12.81 9.05 7.54
N ASN A 260 -13.78 9.89 7.21
CA ASN A 260 -13.67 10.65 5.97
C ASN A 260 -12.67 11.80 6.21
N LYS A 261 -11.53 11.75 5.51
CA LYS A 261 -10.40 12.64 5.74
C LYS A 261 -10.84 14.11 5.67
N SER A 262 -11.73 14.37 4.71
CA SER A 262 -12.17 15.71 4.38
C SER A 262 -13.16 16.21 5.43
N GLU A 263 -13.52 15.36 6.41
CA GLU A 263 -14.39 15.76 7.51
C GLU A 263 -13.61 15.97 8.81
N ARG A 264 -12.33 15.53 8.84
CA ARG A 264 -11.51 15.64 10.02
C ARG A 264 -11.18 17.11 10.32
N LEU A 265 -10.95 17.40 11.61
CA LEU A 265 -10.52 18.72 12.06
C LEU A 265 -9.13 19.04 11.49
N SER A 266 -8.71 20.32 11.60
CA SER A 266 -7.34 20.74 11.25
C SER A 266 -6.57 21.11 12.50
N ILE A 267 -5.25 21.34 12.35
CA ILE A 267 -4.40 21.65 13.49
C ILE A 267 -4.81 22.98 14.13
N ARG A 268 -4.98 24.03 13.30
CA ARG A 268 -5.33 25.35 13.81
C ARG A 268 -6.66 25.27 14.54
N ASP A 269 -7.58 24.47 14.01
CA ASP A 269 -8.91 24.31 14.56
C ASP A 269 -8.82 23.70 15.97
N LEU A 270 -7.94 22.70 16.13
CA LEU A 270 -7.67 22.07 17.41
C LEU A 270 -7.07 23.08 18.39
N LEU A 271 -6.14 23.89 17.86
CA LEU A 271 -5.49 24.91 18.66
C LEU A 271 -6.47 26.04 18.97
N ASN A 272 -7.40 26.30 18.04
CA ASN A 272 -8.42 27.30 18.27
C ASN A 272 -9.57 26.69 19.07
N HIS A 273 -9.40 25.46 19.54
CA HIS A 273 -10.41 24.86 20.40
C HIS A 273 -10.23 25.40 21.83
N ALA A 274 -11.31 25.34 22.62
CA ALA A 274 -11.34 25.89 23.97
C ALA A 274 -10.39 25.12 24.88
N PHE A 275 -10.52 23.79 24.87
CA PHE A 275 -9.66 22.93 25.67
C PHE A 275 -8.22 23.38 25.52
N PHE A 276 -7.85 23.80 24.29
CA PHE A 276 -6.48 24.15 23.89
C PHE A 276 -6.21 25.65 23.95
N ALA A 277 -7.16 26.41 24.48
CA ALA A 277 -6.96 27.84 24.64
C ALA A 277 -6.15 28.11 25.91
N GLU A 278 -5.43 29.25 25.91
CA GLU A 278 -4.56 29.62 27.01
C GLU A 278 -5.22 30.71 27.86
N GLU B 3 -33.20 -35.02 -23.07
CA GLU B 3 -31.77 -34.72 -22.87
C GLU B 3 -31.59 -33.43 -22.07
N ALA B 4 -32.48 -33.20 -21.10
CA ALA B 4 -32.45 -31.99 -20.29
C ALA B 4 -32.38 -32.34 -18.80
N GLU B 5 -31.41 -33.20 -18.44
CA GLU B 5 -31.35 -33.83 -17.13
C GLU B 5 -30.98 -32.83 -16.03
N MET B 6 -31.20 -33.25 -14.78
CA MET B 6 -30.91 -32.44 -13.60
C MET B 6 -30.23 -33.29 -12.53
N LYS B 7 -29.04 -33.86 -12.86
CA LYS B 7 -28.17 -34.43 -11.84
C LYS B 7 -27.17 -33.37 -11.37
N ALA B 8 -27.59 -32.53 -10.42
CA ALA B 8 -26.75 -31.45 -9.92
C ALA B 8 -26.51 -31.57 -8.41
N VAL B 9 -25.77 -30.60 -7.85
CA VAL B 9 -25.53 -30.51 -6.42
C VAL B 9 -26.14 -29.21 -5.86
N ALA B 10 -26.19 -28.15 -6.70
CA ALA B 10 -26.62 -26.84 -6.26
C ALA B 10 -27.25 -26.04 -7.39
N THR B 11 -27.98 -24.98 -7.02
CA THR B 11 -28.60 -24.11 -8.02
C THR B 11 -28.38 -22.66 -7.63
N SER B 12 -28.28 -21.82 -8.66
CA SER B 12 -28.28 -20.38 -8.46
C SER B 12 -29.60 -19.95 -7.84
N PRO B 13 -29.65 -18.86 -7.04
CA PRO B 13 -30.89 -18.44 -6.40
C PRO B 13 -32.02 -18.28 -7.40
N SER B 14 -31.61 -17.94 -8.63
CA SER B 14 -32.48 -17.61 -9.76
C SER B 14 -33.00 -18.89 -10.39
N GLY B 15 -32.31 -19.99 -10.12
CA GLY B 15 -32.61 -21.28 -10.73
C GLY B 15 -31.96 -21.47 -12.10
N ARG B 16 -31.52 -20.36 -12.73
CA ARG B 16 -31.01 -20.41 -14.10
C ARG B 16 -29.86 -21.41 -14.23
N PHE B 17 -29.02 -21.49 -13.17
CA PHE B 17 -27.74 -22.16 -13.26
C PHE B 17 -27.68 -23.32 -12.27
N LEU B 18 -27.11 -24.44 -12.74
CA LEU B 18 -26.96 -25.65 -11.95
C LEU B 18 -25.49 -26.03 -11.85
N LYS B 19 -25.11 -26.52 -10.66
CA LYS B 19 -23.74 -26.92 -10.35
C LYS B 19 -23.62 -28.43 -10.44
N PHE B 20 -22.64 -28.89 -11.25
CA PHE B 20 -22.24 -30.28 -11.27
C PHE B 20 -21.06 -30.48 -10.32
N ASP B 21 -20.91 -31.71 -9.82
CA ASP B 21 -19.96 -31.99 -8.75
C ASP B 21 -18.59 -32.35 -9.32
N ILE B 22 -18.27 -31.77 -10.49
CA ILE B 22 -17.04 -32.07 -11.21
C ILE B 22 -16.13 -30.83 -11.23
N GLU B 23 -14.96 -30.98 -10.61
CA GLU B 23 -14.04 -29.88 -10.42
C GLU B 23 -13.18 -29.68 -11.67
N LEU B 24 -13.04 -28.42 -12.11
CA LEU B 24 -12.35 -28.08 -13.34
C LEU B 24 -11.01 -27.37 -13.05
N GLY B 25 -10.64 -27.31 -11.77
CA GLY B 25 -9.47 -26.55 -11.34
C GLY B 25 -9.62 -26.09 -9.90
N ARG B 26 -8.49 -25.94 -9.19
CA ARG B 26 -8.48 -25.56 -7.79
C ARG B 26 -7.36 -24.54 -7.56
N GLY B 27 -7.72 -23.25 -7.50
CA GLY B 27 -6.78 -22.16 -7.30
C GLY B 27 -6.55 -21.89 -5.82
N ALA B 28 -6.20 -20.63 -5.51
CA ALA B 28 -5.70 -20.20 -4.22
C ALA B 28 -6.72 -20.46 -3.11
N PHE B 29 -7.72 -19.57 -3.06
CA PHE B 29 -8.86 -19.73 -2.16
C PHE B 29 -10.12 -19.79 -3.04
N LYS B 30 -10.00 -20.54 -4.15
CA LYS B 30 -11.10 -20.76 -5.06
C LYS B 30 -11.12 -22.22 -5.53
N THR B 31 -12.23 -22.60 -6.16
CA THR B 31 -12.40 -23.89 -6.80
C THR B 31 -13.47 -23.73 -7.88
N VAL B 32 -13.18 -24.24 -9.09
CA VAL B 32 -14.09 -24.10 -10.23
C VAL B 32 -14.73 -25.45 -10.55
N TYR B 33 -16.07 -25.45 -10.67
CA TYR B 33 -16.81 -26.64 -11.05
C TYR B 33 -17.60 -26.34 -12.32
N LYS B 34 -18.03 -27.40 -13.02
CA LYS B 34 -18.78 -27.26 -14.26
C LYS B 34 -20.25 -27.00 -13.91
N GLY B 35 -20.93 -26.21 -14.74
CA GLY B 35 -22.32 -25.86 -14.52
C GLY B 35 -23.10 -25.76 -15.83
N LEU B 36 -24.37 -25.33 -15.74
CA LEU B 36 -25.28 -25.30 -16.88
C LEU B 36 -26.23 -24.11 -16.84
N ASP B 37 -26.24 -23.33 -17.93
CA ASP B 37 -27.22 -22.29 -18.20
C ASP B 37 -28.41 -22.97 -18.84
N THR B 38 -29.31 -23.45 -17.98
CA THR B 38 -30.48 -24.21 -18.41
C THR B 38 -31.34 -23.38 -19.37
N GLU B 39 -31.08 -22.07 -19.47
CA GLU B 39 -31.81 -21.17 -20.37
C GLU B 39 -31.35 -21.31 -21.83
N THR B 40 -30.04 -21.25 -22.04
CA THR B 40 -29.49 -21.32 -23.39
C THR B 40 -29.06 -22.76 -23.65
N TRP B 41 -29.00 -23.53 -22.55
CA TRP B 41 -28.53 -24.91 -22.50
C TRP B 41 -27.03 -24.99 -22.74
N VAL B 42 -26.30 -23.90 -22.48
CA VAL B 42 -24.85 -23.91 -22.71
C VAL B 42 -24.13 -24.16 -21.38
N GLU B 43 -23.07 -24.97 -21.42
CA GLU B 43 -22.25 -25.28 -20.24
C GLU B 43 -21.45 -24.05 -19.80
N VAL B 44 -21.06 -24.04 -18.51
CA VAL B 44 -20.53 -22.82 -17.91
C VAL B 44 -19.58 -23.15 -16.76
N ALA B 45 -18.86 -22.13 -16.28
CA ALA B 45 -17.95 -22.30 -15.16
C ALA B 45 -18.56 -21.73 -13.89
N TRP B 46 -18.55 -22.55 -12.82
CA TRP B 46 -19.12 -22.20 -11.52
C TRP B 46 -17.99 -22.15 -10.49
N CYS B 47 -17.56 -20.91 -10.19
CA CYS B 47 -16.39 -20.65 -9.39
C CYS B 47 -16.82 -20.41 -7.96
N GLU B 48 -16.67 -21.48 -7.18
CA GLU B 48 -16.74 -21.36 -5.74
C GLU B 48 -15.43 -20.77 -5.27
N LEU B 49 -15.52 -19.50 -4.86
CA LEU B 49 -14.43 -18.79 -4.21
C LEU B 49 -14.44 -19.08 -2.71
N GLN B 50 -13.75 -18.23 -1.95
CA GLN B 50 -13.67 -18.39 -0.52
C GLN B 50 -13.81 -17.01 0.11
N ASP B 51 -13.73 -16.99 1.44
CA ASP B 51 -13.94 -15.77 2.17
C ASP B 51 -12.68 -14.91 2.08
N ARG B 52 -12.87 -13.61 1.86
CA ARG B 52 -11.75 -12.71 1.70
C ARG B 52 -11.73 -11.68 2.84
N LYS B 53 -12.01 -12.14 4.07
CA LYS B 53 -12.07 -11.27 5.24
C LYS B 53 -12.71 -9.95 4.85
N LEU B 54 -13.82 -10.05 4.12
CA LEU B 54 -14.45 -8.88 3.53
C LEU B 54 -15.08 -8.07 4.65
N THR B 55 -15.15 -6.75 4.46
CA THR B 55 -15.80 -5.86 5.40
C THR B 55 -17.29 -6.04 5.20
N LYS B 56 -17.90 -5.11 4.46
CA LYS B 56 -19.32 -5.17 4.18
C LYS B 56 -19.65 -4.02 3.25
N ALA B 57 -19.18 -2.81 3.59
CA ALA B 57 -19.28 -1.69 2.67
C ALA B 57 -18.76 -2.13 1.30
N GLU B 58 -17.62 -2.83 1.31
CA GLU B 58 -16.98 -3.31 0.08
C GLU B 58 -17.89 -4.35 -0.61
N GLN B 59 -18.63 -5.13 0.20
CA GLN B 59 -19.57 -6.10 -0.34
C GLN B 59 -20.57 -5.33 -1.20
N GLN B 60 -21.19 -4.28 -0.64
CA GLN B 60 -22.10 -3.42 -1.40
C GLN B 60 -21.44 -2.95 -2.70
N ARG B 61 -20.21 -2.44 -2.59
CA ARG B 61 -19.51 -1.92 -3.76
C ARG B 61 -19.38 -3.02 -4.81
N PHE B 62 -18.89 -4.18 -4.37
CA PHE B 62 -18.73 -5.32 -5.25
C PHE B 62 -20.05 -5.69 -5.93
N LYS B 63 -21.14 -5.76 -5.16
CA LYS B 63 -22.47 -6.01 -5.66
C LYS B 63 -22.76 -5.07 -6.82
N GLU B 64 -22.47 -3.78 -6.62
CA GLU B 64 -22.74 -2.75 -7.63
C GLU B 64 -21.89 -2.98 -8.88
N GLU B 65 -20.59 -3.24 -8.63
CA GLU B 65 -19.63 -3.61 -9.65
C GLU B 65 -20.20 -4.78 -10.48
N ALA B 66 -20.68 -5.81 -9.78
CA ALA B 66 -21.10 -7.06 -10.38
C ALA B 66 -22.35 -6.86 -11.23
N GLU B 67 -23.21 -5.93 -10.80
CA GLU B 67 -24.39 -5.62 -11.58
C GLU B 67 -23.97 -5.04 -12.92
N MET B 68 -22.93 -4.19 -12.91
CA MET B 68 -22.41 -3.60 -14.12
C MET B 68 -21.94 -4.70 -15.06
N LEU B 69 -21.38 -5.75 -14.47
CA LEU B 69 -20.69 -6.80 -15.20
C LEU B 69 -21.68 -7.68 -15.96
N LYS B 70 -22.81 -7.94 -15.32
CA LYS B 70 -23.82 -8.81 -15.92
C LYS B 70 -24.23 -8.20 -17.25
N GLY B 71 -24.06 -6.88 -17.38
CA GLY B 71 -24.57 -6.13 -18.51
C GLY B 71 -23.70 -6.23 -19.77
N LEU B 72 -22.46 -6.71 -19.63
CA LEU B 72 -21.47 -6.43 -20.66
C LEU B 72 -21.45 -7.49 -21.75
N GLN B 73 -21.30 -7.04 -23.01
CA GLN B 73 -21.12 -7.92 -24.15
C GLN B 73 -20.04 -7.38 -25.09
N HIS B 74 -18.88 -8.05 -25.08
CA HIS B 74 -17.81 -7.76 -26.02
C HIS B 74 -17.02 -9.03 -26.30
N PRO B 75 -16.66 -9.25 -27.59
CA PRO B 75 -15.84 -10.38 -28.02
C PRO B 75 -14.60 -10.71 -27.18
N ASN B 76 -13.93 -9.70 -26.63
CA ASN B 76 -12.61 -9.92 -26.06
C ASN B 76 -12.67 -9.90 -24.53
N ILE B 77 -13.84 -10.29 -24.00
CA ILE B 77 -14.15 -10.37 -22.58
C ILE B 77 -14.98 -11.62 -22.30
N VAL B 78 -14.51 -12.43 -21.34
CA VAL B 78 -15.27 -13.57 -20.80
C VAL B 78 -16.59 -13.05 -20.25
N ARG B 79 -17.70 -13.70 -20.63
CA ARG B 79 -19.00 -13.28 -20.14
C ARG B 79 -19.15 -13.59 -18.65
N PHE B 80 -19.87 -12.71 -17.94
CA PHE B 80 -20.15 -12.82 -16.52
C PHE B 80 -21.66 -12.90 -16.36
N TYR B 81 -22.13 -13.92 -15.62
CA TYR B 81 -23.55 -14.21 -15.59
C TYR B 81 -24.21 -13.81 -14.27
N ASP B 82 -23.71 -14.38 -13.18
CA ASP B 82 -24.37 -14.27 -11.89
C ASP B 82 -23.36 -14.41 -10.76
N SER B 83 -23.74 -13.94 -9.57
CA SER B 83 -22.92 -14.05 -8.37
C SER B 83 -23.80 -13.91 -7.13
N TRP B 84 -23.37 -14.50 -6.02
CA TRP B 84 -24.12 -14.43 -4.76
C TRP B 84 -23.30 -15.02 -3.62
N GLU B 85 -23.77 -14.82 -2.39
CA GLU B 85 -23.08 -15.25 -1.17
C GLU B 85 -23.66 -16.58 -0.70
N SER B 86 -22.80 -17.44 -0.11
CA SER B 86 -23.10 -18.84 0.22
C SER B 86 -22.18 -19.35 1.35
N ILE B 87 -22.64 -20.30 2.18
CA ILE B 87 -21.79 -20.93 3.18
C ILE B 87 -21.50 -22.37 2.77
N LEU B 88 -20.24 -22.67 2.47
CA LEU B 88 -19.85 -24.02 2.13
C LEU B 88 -18.85 -24.54 3.17
N LYS B 89 -19.10 -25.77 3.65
CA LYS B 89 -18.49 -26.29 4.86
C LYS B 89 -18.91 -25.45 6.07
N GLY B 90 -17.98 -24.60 6.54
CA GLY B 90 -18.22 -23.82 7.74
C GLY B 90 -18.00 -22.34 7.47
N LYS B 91 -17.69 -22.00 6.21
CA LYS B 91 -17.15 -20.68 5.89
C LYS B 91 -17.95 -20.02 4.78
N LYS B 92 -18.06 -18.68 4.83
CA LYS B 92 -18.79 -17.89 3.86
C LYS B 92 -17.97 -17.80 2.57
N CYS B 93 -18.60 -18.17 1.45
CA CYS B 93 -17.98 -18.20 0.13
C CYS B 93 -18.80 -17.34 -0.82
N ILE B 94 -18.19 -16.86 -1.88
CA ILE B 94 -18.92 -16.10 -2.88
C ILE B 94 -18.91 -16.91 -4.17
N VAL B 95 -20.08 -17.07 -4.79
CA VAL B 95 -20.17 -17.88 -5.99
C VAL B 95 -20.25 -16.97 -7.20
N LEU B 96 -19.46 -17.32 -8.23
CA LEU B 96 -19.41 -16.59 -9.49
C LEU B 96 -19.74 -17.52 -10.65
N VAL B 97 -20.59 -17.03 -11.57
CA VAL B 97 -20.89 -17.79 -12.77
C VAL B 97 -20.47 -17.01 -14.01
N THR B 98 -19.64 -17.65 -14.84
CA THR B 98 -19.06 -17.01 -16.00
C THR B 98 -19.02 -17.98 -17.18
N GLU B 99 -18.76 -17.41 -18.36
CA GLU B 99 -18.66 -18.15 -19.60
C GLU B 99 -17.49 -19.13 -19.48
N LEU B 100 -17.72 -20.36 -19.93
CA LEU B 100 -16.74 -21.39 -19.68
C LEU B 100 -15.69 -21.34 -20.77
N MET B 101 -14.43 -21.20 -20.34
CA MET B 101 -13.31 -21.23 -21.25
C MET B 101 -12.49 -22.49 -20.97
N THR B 102 -12.40 -23.34 -22.00
CA THR B 102 -11.81 -24.65 -21.81
C THR B 102 -10.47 -24.74 -22.55
N SER B 103 -10.14 -23.72 -23.35
CA SER B 103 -8.98 -23.81 -24.23
C SER B 103 -7.75 -23.11 -23.64
N GLY B 104 -7.77 -22.88 -22.32
CA GLY B 104 -6.62 -22.41 -21.57
C GLY B 104 -6.40 -20.90 -21.74
N THR B 105 -5.17 -20.48 -21.46
CA THR B 105 -4.77 -19.09 -21.35
C THR B 105 -3.56 -18.85 -22.26
N LEU B 106 -3.07 -17.60 -22.33
CA LEU B 106 -1.85 -17.27 -23.04
C LEU B 106 -0.69 -18.05 -22.43
N LYS B 107 -0.72 -18.25 -21.11
CA LYS B 107 0.30 -18.97 -20.38
C LYS B 107 0.34 -20.45 -20.82
N THR B 108 -0.83 -21.05 -20.95
CA THR B 108 -0.85 -22.44 -21.34
C THR B 108 -0.48 -22.58 -22.81
N TYR B 109 -0.70 -21.49 -23.57
CA TYR B 109 -0.41 -21.47 -25.01
C TYR B 109 1.09 -21.38 -25.26
N LEU B 110 1.75 -20.47 -24.55
CA LEU B 110 3.20 -20.33 -24.68
C LEU B 110 3.87 -21.61 -24.23
N LYS B 111 3.32 -22.22 -23.17
CA LYS B 111 3.88 -23.45 -22.61
C LYS B 111 3.86 -24.53 -23.69
N ARG B 112 2.74 -24.68 -24.38
CA ARG B 112 2.59 -25.75 -25.34
C ARG B 112 3.33 -25.45 -26.65
N PHE B 113 3.29 -24.22 -27.13
CA PHE B 113 3.82 -23.93 -28.45
C PHE B 113 5.20 -23.26 -28.37
N LYS B 114 5.61 -22.90 -27.16
CA LYS B 114 6.97 -22.45 -26.89
C LYS B 114 7.23 -21.02 -27.36
N VAL B 115 7.00 -20.76 -28.65
CA VAL B 115 7.26 -19.44 -29.22
C VAL B 115 5.97 -18.90 -29.84
N MET B 116 5.78 -17.58 -29.80
CA MET B 116 4.61 -17.02 -30.45
C MET B 116 4.99 -16.37 -31.79
N LYS B 117 4.24 -16.74 -32.84
CA LYS B 117 4.41 -16.17 -34.17
C LYS B 117 3.99 -14.70 -34.17
N PRO B 118 4.77 -13.80 -34.82
CA PRO B 118 4.50 -12.37 -34.74
C PRO B 118 3.17 -11.95 -35.36
N LYS B 119 2.68 -12.73 -36.33
CA LYS B 119 1.38 -12.48 -36.94
C LYS B 119 0.27 -12.69 -35.91
N VAL B 120 0.42 -13.72 -35.06
CA VAL B 120 -0.53 -14.07 -34.00
C VAL B 120 -0.54 -12.97 -32.96
N LEU B 121 0.67 -12.63 -32.48
CA LEU B 121 0.88 -11.62 -31.47
C LEU B 121 0.14 -10.34 -31.90
N ARG B 122 0.27 -10.00 -33.19
CA ARG B 122 -0.31 -8.80 -33.77
C ARG B 122 -1.83 -8.85 -33.63
N SER B 123 -2.41 -10.00 -33.97
CA SER B 123 -3.86 -10.15 -33.97
C SER B 123 -4.43 -10.18 -32.55
N TRP B 124 -3.80 -10.95 -31.65
CA TRP B 124 -4.35 -11.18 -30.33
C TRP B 124 -4.17 -9.98 -29.42
N CYS B 125 -2.99 -9.35 -29.53
CA CYS B 125 -2.70 -8.17 -28.73
C CYS B 125 -3.65 -7.07 -29.14
N ARG B 126 -3.93 -7.01 -30.45
CA ARG B 126 -4.89 -6.09 -31.02
C ARG B 126 -6.19 -6.25 -30.26
N GLN B 127 -6.57 -7.52 -30.04
CA GLN B 127 -7.84 -7.90 -29.45
C GLN B 127 -7.90 -7.56 -27.97
N ILE B 128 -6.78 -7.74 -27.26
CA ILE B 128 -6.73 -7.40 -25.84
C ILE B 128 -6.97 -5.90 -25.69
N LEU B 129 -6.38 -5.12 -26.59
CA LEU B 129 -6.53 -3.68 -26.56
C LEU B 129 -7.99 -3.32 -26.75
N LYS B 130 -8.62 -3.98 -27.72
CA LYS B 130 -10.02 -3.76 -28.04
C LYS B 130 -10.88 -4.00 -26.81
N GLY B 131 -10.54 -5.07 -26.08
CA GLY B 131 -11.29 -5.43 -24.88
C GLY B 131 -11.11 -4.37 -23.80
N LEU B 132 -9.87 -3.92 -23.63
CA LEU B 132 -9.60 -3.00 -22.55
C LEU B 132 -10.31 -1.68 -22.85
N GLN B 133 -10.29 -1.29 -24.12
CA GLN B 133 -10.94 -0.07 -24.57
C GLN B 133 -12.43 -0.15 -24.27
N PHE B 134 -12.99 -1.34 -24.41
CA PHE B 134 -14.40 -1.54 -24.12
C PHE B 134 -14.64 -1.31 -22.63
N LEU B 135 -13.81 -1.91 -21.78
CA LEU B 135 -13.99 -1.83 -20.33
C LEU B 135 -13.78 -0.41 -19.82
N HIS B 136 -12.75 0.23 -20.34
CA HIS B 136 -12.38 1.57 -19.92
C HIS B 136 -13.43 2.59 -20.36
N THR B 137 -14.24 2.25 -21.38
CA THR B 137 -15.26 3.16 -21.87
C THR B 137 -16.64 2.77 -21.36
N ARG B 138 -16.67 1.79 -20.43
CA ARG B 138 -17.89 1.52 -19.69
C ARG B 138 -18.18 2.72 -18.79
N THR B 139 -19.39 2.76 -18.22
CA THR B 139 -19.72 3.95 -17.47
C THR B 139 -20.43 3.56 -16.17
N PRO B 140 -19.75 3.48 -15.00
CA PRO B 140 -18.38 3.98 -14.83
C PRO B 140 -17.32 3.16 -15.55
N PRO B 141 -16.14 3.76 -15.90
CA PRO B 141 -15.03 3.00 -16.45
C PRO B 141 -14.65 1.78 -15.61
N ILE B 142 -14.31 0.66 -16.24
CA ILE B 142 -13.98 -0.51 -15.46
C ILE B 142 -12.47 -0.77 -15.61
N ILE B 143 -11.76 -0.78 -14.48
CA ILE B 143 -10.32 -1.04 -14.40
C ILE B 143 -10.09 -2.46 -13.91
N HIS B 144 -9.25 -3.19 -14.64
CA HIS B 144 -8.99 -4.59 -14.34
C HIS B 144 -8.05 -4.74 -13.13
N ARG B 145 -6.87 -4.10 -13.17
CA ARG B 145 -5.97 -4.01 -12.02
C ARG B 145 -5.05 -5.22 -11.98
N ASP B 146 -5.44 -6.27 -12.68
CA ASP B 146 -4.86 -7.57 -12.42
C ASP B 146 -4.80 -8.35 -13.72
N LEU B 147 -4.43 -7.64 -14.79
CA LEU B 147 -4.23 -8.29 -16.07
C LEU B 147 -2.92 -9.07 -16.05
N LYS B 148 -3.03 -10.35 -16.42
CA LYS B 148 -1.90 -11.26 -16.53
C LYS B 148 -2.25 -12.30 -17.59
N CYS B 149 -1.24 -13.06 -18.03
CA CYS B 149 -1.42 -13.98 -19.15
C CYS B 149 -2.27 -15.19 -18.78
N ASN B 150 -2.28 -15.61 -17.50
CA ASN B 150 -3.06 -16.77 -17.10
C ASN B 150 -4.50 -16.35 -16.78
N ASN B 151 -4.87 -15.14 -17.21
CA ASN B 151 -6.26 -14.70 -17.14
C ASN B 151 -6.67 -14.02 -18.44
N ILE B 152 -5.84 -14.19 -19.48
CA ILE B 152 -6.27 -13.96 -20.85
C ILE B 152 -6.52 -15.34 -21.49
N PHE B 153 -7.80 -15.66 -21.69
CA PHE B 153 -8.21 -16.97 -22.18
C PHE B 153 -8.43 -16.90 -23.71
N ILE B 154 -8.24 -18.03 -24.38
CA ILE B 154 -8.42 -18.14 -25.82
C ILE B 154 -9.57 -19.10 -26.09
N THR B 155 -10.30 -18.82 -27.18
CA THR B 155 -11.40 -19.67 -27.61
C THR B 155 -10.82 -21.00 -28.06
N GLY B 156 -9.59 -20.93 -28.56
CA GLY B 156 -8.89 -22.05 -29.15
C GLY B 156 -7.63 -21.54 -29.84
N PRO B 157 -6.62 -22.41 -30.00
CA PRO B 157 -5.43 -22.11 -30.79
C PRO B 157 -5.68 -21.49 -32.17
N THR B 158 -6.86 -21.65 -32.76
CA THR B 158 -7.10 -20.99 -34.03
C THR B 158 -8.07 -19.81 -33.83
N GLY B 159 -8.53 -19.63 -32.58
CA GLY B 159 -9.55 -18.67 -32.21
C GLY B 159 -8.96 -17.35 -31.71
N SER B 160 -9.58 -16.78 -30.68
CA SER B 160 -9.23 -15.43 -30.25
C SER B 160 -9.22 -15.34 -28.72
N VAL B 161 -9.10 -14.10 -28.22
CA VAL B 161 -8.80 -13.87 -26.80
C VAL B 161 -9.96 -13.17 -26.12
N LYS B 162 -10.12 -13.49 -24.83
CA LYS B 162 -11.10 -12.88 -23.98
C LYS B 162 -10.47 -12.67 -22.61
N ILE B 163 -10.52 -11.43 -22.09
CA ILE B 163 -9.97 -11.13 -20.78
C ILE B 163 -10.88 -11.72 -19.71
N GLY B 164 -10.29 -12.39 -18.72
CA GLY B 164 -11.05 -13.06 -17.68
C GLY B 164 -10.66 -12.56 -16.30
N ASP B 165 -10.94 -13.37 -15.27
CA ASP B 165 -10.69 -13.09 -13.86
C ASP B 165 -11.24 -11.72 -13.48
N LEU B 166 -12.42 -11.39 -13.99
CA LEU B 166 -12.94 -10.03 -14.07
C LEU B 166 -13.21 -9.41 -12.71
N GLY B 167 -13.89 -10.16 -11.85
CA GLY B 167 -14.36 -9.62 -10.59
C GLY B 167 -13.30 -9.63 -9.50
N LEU B 168 -12.19 -10.32 -9.77
CA LEU B 168 -11.30 -10.76 -8.71
C LEU B 168 -10.38 -9.63 -8.26
N ALA B 169 -10.29 -8.58 -9.09
CA ALA B 169 -9.64 -7.33 -8.72
C ALA B 169 -10.12 -6.87 -7.35
N THR B 170 -11.44 -6.64 -7.26
CA THR B 170 -12.11 -6.16 -6.06
C THR B 170 -12.13 -7.26 -5.00
N LEU B 171 -12.63 -8.45 -5.37
CA LEU B 171 -12.95 -9.54 -4.43
C LEU B 171 -11.73 -10.00 -3.63
N MET B 172 -10.78 -10.66 -4.31
CA MET B 172 -9.45 -10.70 -3.75
C MET B 172 -8.94 -9.27 -3.80
N ARG B 173 -8.12 -8.85 -2.82
CA ARG B 173 -7.72 -7.46 -2.84
C ARG B 173 -6.52 -7.30 -3.78
N THR B 174 -6.33 -6.10 -4.32
CA THR B 174 -5.16 -5.79 -5.11
N PHE B 186 -1.80 1.04 13.61
CA PHE B 186 -2.91 2.02 13.43
C PHE B 186 -2.45 3.11 12.46
N MET B 187 -3.15 3.20 11.31
CA MET B 187 -2.88 4.14 10.23
C MET B 187 -4.22 4.61 9.65
N ALA B 188 -4.33 5.90 9.28
CA ALA B 188 -5.58 6.52 8.84
C ALA B 188 -6.24 5.71 7.72
N PRO B 189 -7.59 5.62 7.68
CA PRO B 189 -8.26 4.79 6.67
C PRO B 189 -7.86 5.12 5.24
N GLU B 190 -7.60 6.40 4.98
CA GLU B 190 -7.25 6.81 3.63
C GLU B 190 -6.01 6.03 3.18
N MET B 191 -5.26 5.48 4.13
CA MET B 191 -4.02 4.78 3.83
C MET B 191 -4.30 3.42 3.20
N TYR B 192 -5.52 2.90 3.41
CA TYR B 192 -5.91 1.59 2.89
C TYR B 192 -6.50 1.74 1.49
N GLU B 193 -6.78 2.99 1.09
CA GLU B 193 -7.30 3.28 -0.23
C GLU B 193 -6.29 2.89 -1.29
N GLU B 194 -6.81 2.35 -2.41
CA GLU B 194 -6.01 1.90 -3.54
C GLU B 194 -6.17 2.95 -4.64
N HIS B 195 -5.03 3.39 -5.19
CA HIS B 195 -5.02 4.45 -6.19
C HIS B 195 -4.55 3.94 -7.55
N PHE B 196 -5.53 3.49 -8.34
CA PHE B 196 -5.35 2.97 -9.68
C PHE B 196 -6.08 3.85 -10.67
N ASP B 197 -5.63 3.81 -11.92
CA ASP B 197 -6.24 4.48 -13.06
C ASP B 197 -6.03 3.58 -14.27
N GLU B 198 -6.38 4.05 -15.46
CA GLU B 198 -6.30 3.27 -16.69
C GLU B 198 -4.88 2.79 -16.98
N SER B 199 -3.88 3.66 -16.74
CA SER B 199 -2.51 3.33 -17.08
C SER B 199 -2.04 2.05 -16.40
N VAL B 200 -2.57 1.72 -15.20
CA VAL B 200 -2.12 0.58 -14.41
C VAL B 200 -2.28 -0.71 -15.24
N ASP B 201 -3.29 -0.66 -16.13
CA ASP B 201 -3.64 -1.75 -17.01
C ASP B 201 -2.81 -1.64 -18.28
N VAL B 202 -2.61 -0.41 -18.76
CA VAL B 202 -1.67 -0.20 -19.86
C VAL B 202 -0.32 -0.80 -19.49
N TYR B 203 0.14 -0.54 -18.26
CA TYR B 203 1.36 -1.14 -17.74
C TYR B 203 1.31 -2.67 -17.78
N ALA B 204 0.22 -3.25 -17.25
CA ALA B 204 0.13 -4.68 -17.12
C ALA B 204 0.02 -5.35 -18.49
N PHE B 205 -0.55 -4.61 -19.45
CA PHE B 205 -0.63 -5.06 -20.84
C PHE B 205 0.78 -5.19 -21.43
N GLY B 206 1.64 -4.20 -21.13
CA GLY B 206 3.01 -4.17 -21.61
C GLY B 206 3.72 -5.46 -21.21
N MET B 207 3.47 -5.90 -19.96
CA MET B 207 4.06 -7.10 -19.41
C MET B 207 3.54 -8.34 -20.12
N CYS B 208 2.24 -8.33 -20.41
CA CYS B 208 1.62 -9.37 -21.21
C CYS B 208 2.31 -9.47 -22.57
N MET B 209 2.41 -8.34 -23.28
CA MET B 209 2.97 -8.32 -24.63
C MET B 209 4.42 -8.78 -24.61
N LEU B 210 5.16 -8.38 -23.57
CA LEU B 210 6.56 -8.73 -23.44
C LEU B 210 6.74 -10.24 -23.24
N GLU B 211 5.91 -10.83 -22.37
CA GLU B 211 5.92 -12.26 -22.14
C GLU B 211 5.71 -12.98 -23.46
N MET B 212 4.75 -12.50 -24.25
CA MET B 212 4.40 -13.10 -25.53
C MET B 212 5.57 -13.02 -26.52
N ALA B 213 6.34 -11.94 -26.44
CA ALA B 213 7.41 -11.69 -27.39
C ALA B 213 8.63 -12.56 -27.09
N THR B 214 8.77 -12.99 -25.83
CA THR B 214 10.01 -13.57 -25.38
C THR B 214 9.75 -14.92 -24.72
N SER B 215 8.48 -15.33 -24.67
CA SER B 215 8.08 -16.59 -24.06
C SER B 215 8.72 -16.76 -22.67
N GLU B 216 9.14 -15.64 -22.04
CA GLU B 216 9.65 -15.67 -20.68
C GLU B 216 8.79 -14.77 -19.80
N TYR B 217 8.43 -15.29 -18.61
CA TYR B 217 7.78 -14.52 -17.56
C TYR B 217 8.69 -13.33 -17.20
N PRO B 218 8.21 -12.06 -17.31
CA PRO B 218 9.06 -10.90 -17.04
C PRO B 218 9.72 -10.96 -15.67
N TYR B 219 10.96 -10.48 -15.58
CA TYR B 219 11.71 -10.49 -14.32
C TYR B 219 11.83 -11.92 -13.79
N SER B 220 11.99 -12.88 -14.72
CA SER B 220 12.31 -14.27 -14.43
C SER B 220 13.61 -14.34 -13.65
N GLU B 221 14.50 -13.37 -13.93
CA GLU B 221 15.79 -13.21 -13.30
C GLU B 221 15.66 -13.14 -11.78
N CYS B 222 14.92 -12.14 -11.28
CA CYS B 222 14.96 -11.78 -9.86
C CYS B 222 14.35 -12.88 -9.00
N GLN B 223 15.20 -13.55 -8.22
CA GLN B 223 14.80 -14.61 -7.30
C GLN B 223 13.96 -14.02 -6.16
N ASN B 224 14.45 -12.92 -5.56
CA ASN B 224 13.74 -12.32 -4.44
C ASN B 224 12.69 -11.33 -4.98
N ALA B 225 11.51 -11.37 -4.35
CA ALA B 225 10.38 -10.55 -4.74
C ALA B 225 10.76 -9.08 -4.68
N ALA B 226 11.56 -8.73 -3.66
CA ALA B 226 12.00 -7.37 -3.39
C ALA B 226 12.92 -6.86 -4.51
N GLN B 227 13.84 -7.71 -4.96
CA GLN B 227 14.75 -7.34 -6.02
C GLN B 227 13.97 -6.67 -7.14
N ILE B 228 12.76 -7.18 -7.37
CA ILE B 228 11.86 -6.67 -8.39
C ILE B 228 11.39 -5.26 -8.01
N TYR B 229 11.03 -5.08 -6.73
CA TYR B 229 10.56 -3.78 -6.25
C TYR B 229 11.57 -2.71 -6.66
N ARG B 230 12.84 -2.92 -6.29
CA ARG B 230 13.89 -1.96 -6.58
C ARG B 230 13.83 -1.56 -8.05
N LYS B 231 13.92 -2.56 -8.94
CA LYS B 231 13.99 -2.33 -10.38
C LYS B 231 12.81 -1.50 -10.85
N VAL B 232 11.60 -1.98 -10.51
CA VAL B 232 10.37 -1.32 -10.91
C VAL B 232 10.38 0.13 -10.44
N THR B 233 10.63 0.33 -9.13
CA THR B 233 10.59 1.64 -8.51
C THR B 233 11.72 2.51 -9.06
N SER B 234 12.87 1.89 -9.37
CA SER B 234 14.01 2.62 -9.88
C SER B 234 13.88 2.89 -11.39
N GLY B 235 12.97 2.16 -12.05
CA GLY B 235 12.68 2.40 -13.46
C GLY B 235 13.49 1.49 -14.37
N ILE B 236 13.72 0.27 -13.91
CA ILE B 236 14.57 -0.64 -14.64
C ILE B 236 13.70 -1.71 -15.28
N LYS B 237 13.86 -1.85 -16.60
CA LYS B 237 13.09 -2.79 -17.40
C LYS B 237 13.67 -4.19 -17.21
N PRO B 238 12.86 -5.27 -17.38
CA PRO B 238 13.37 -6.62 -17.20
C PRO B 238 14.46 -6.96 -18.20
N ALA B 239 15.27 -7.95 -17.83
CA ALA B 239 16.21 -8.57 -18.74
C ALA B 239 15.54 -8.91 -20.08
N SER B 240 14.33 -9.47 -20.00
CA SER B 240 13.71 -9.96 -21.22
C SER B 240 13.36 -8.83 -22.18
N PHE B 241 13.31 -7.58 -21.67
CA PHE B 241 12.99 -6.40 -22.47
C PHE B 241 13.97 -6.30 -23.64
N ASN B 242 15.23 -6.55 -23.33
CA ASN B 242 16.30 -6.33 -24.28
C ASN B 242 16.29 -7.45 -25.33
N LYS B 243 15.65 -8.57 -25.00
CA LYS B 243 15.64 -9.76 -25.84
C LYS B 243 14.56 -9.65 -26.92
N VAL B 244 13.86 -8.51 -26.95
CA VAL B 244 12.84 -8.27 -27.97
C VAL B 244 13.55 -7.95 -29.28
N THR B 245 13.32 -8.82 -30.27
CA THR B 245 14.07 -8.81 -31.51
C THR B 245 13.43 -7.86 -32.54
N ASP B 246 12.09 -7.83 -32.63
CA ASP B 246 11.41 -6.85 -33.48
C ASP B 246 11.45 -5.48 -32.82
N PRO B 247 12.00 -4.46 -33.51
CA PRO B 247 12.11 -3.11 -32.97
C PRO B 247 10.77 -2.38 -32.77
N GLU B 248 9.78 -2.70 -33.62
CA GLU B 248 8.47 -2.06 -33.54
C GLU B 248 7.73 -2.57 -32.30
N VAL B 249 7.83 -3.86 -32.04
CA VAL B 249 7.26 -4.44 -30.84
C VAL B 249 7.93 -3.82 -29.61
N LYS B 250 9.27 -3.70 -29.69
CA LYS B 250 10.10 -3.26 -28.57
C LYS B 250 9.65 -1.87 -28.13
N GLU B 251 9.37 -1.00 -29.11
CA GLU B 251 9.06 0.38 -28.82
C GLU B 251 7.77 0.43 -28.01
N ILE B 252 6.80 -0.40 -28.41
CA ILE B 252 5.46 -0.41 -27.83
C ILE B 252 5.55 -0.83 -26.38
N ILE B 253 6.29 -1.92 -26.12
CA ILE B 253 6.49 -2.42 -24.78
C ILE B 253 7.07 -1.31 -23.91
N GLU B 254 8.10 -0.62 -24.41
CA GLU B 254 8.71 0.49 -23.67
C GLU B 254 7.63 1.52 -23.32
N GLY B 255 6.95 2.02 -24.35
CA GLY B 255 5.92 3.04 -24.20
C GLY B 255 4.82 2.63 -23.21
N CYS B 256 4.76 1.32 -22.92
CA CYS B 256 3.73 0.81 -22.04
C CYS B 256 4.24 0.71 -20.62
N ILE B 257 5.55 0.42 -20.46
CA ILE B 257 6.08 0.13 -19.14
C ILE B 257 6.91 1.29 -18.61
N ARG B 258 6.77 2.48 -19.22
CA ARG B 258 7.34 3.72 -18.69
C ARG B 258 6.93 3.83 -17.24
N GLN B 259 7.90 4.14 -16.38
CA GLN B 259 7.61 4.07 -14.96
C GLN B 259 6.77 5.29 -14.56
N ASN B 260 6.97 6.37 -15.32
CA ASN B 260 6.17 7.58 -15.15
C ASN B 260 4.82 7.38 -15.81
N LYS B 261 3.77 7.32 -14.96
CA LYS B 261 2.43 6.93 -15.35
C LYS B 261 1.87 7.86 -16.42
N SER B 262 2.18 9.15 -16.29
CA SER B 262 1.67 10.16 -17.21
C SER B 262 2.39 10.10 -18.56
N GLU B 263 3.51 9.35 -18.61
CA GLU B 263 4.34 9.20 -19.80
C GLU B 263 3.88 8.00 -20.62
N ARG B 264 3.27 7.03 -19.93
CA ARG B 264 2.77 5.84 -20.58
C ARG B 264 1.70 6.22 -21.59
N LEU B 265 1.64 5.41 -22.66
CA LEU B 265 0.69 5.61 -23.72
C LEU B 265 -0.69 5.29 -23.18
N SER B 266 -1.71 5.80 -23.88
CA SER B 266 -3.10 5.49 -23.58
C SER B 266 -3.54 4.37 -24.51
N ILE B 267 -4.72 3.80 -24.23
CA ILE B 267 -5.26 2.74 -25.06
C ILE B 267 -5.37 3.25 -26.49
N ARG B 268 -5.95 4.44 -26.62
CA ARG B 268 -6.21 5.07 -27.90
C ARG B 268 -4.89 5.15 -28.68
N ASP B 269 -3.86 5.70 -28.05
CA ASP B 269 -2.55 5.80 -28.68
C ASP B 269 -2.21 4.47 -29.35
N LEU B 270 -2.32 3.40 -28.57
CA LEU B 270 -1.84 2.09 -28.99
C LEU B 270 -2.65 1.59 -30.18
N LEU B 271 -3.96 1.80 -30.10
CA LEU B 271 -4.82 1.41 -31.21
C LEU B 271 -4.52 2.23 -32.47
N ASN B 272 -4.14 3.51 -32.31
CA ASN B 272 -3.92 4.39 -33.45
C ASN B 272 -2.60 4.07 -34.14
N HIS B 273 -1.78 3.24 -33.48
CA HIS B 273 -0.42 2.94 -33.92
C HIS B 273 -0.50 2.02 -35.14
N ALA B 274 0.61 1.96 -35.90
CA ALA B 274 0.66 1.19 -37.13
C ALA B 274 0.63 -0.31 -36.83
N PHE B 275 1.55 -0.77 -35.96
CA PHE B 275 1.67 -2.17 -35.62
C PHE B 275 0.28 -2.79 -35.52
N PHE B 276 -0.60 -2.16 -34.73
CA PHE B 276 -1.98 -2.59 -34.56
C PHE B 276 -2.86 -1.95 -35.64
N ALA B 277 -3.12 -2.70 -36.72
CA ALA B 277 -3.92 -2.23 -37.84
C ALA B 277 -4.31 -3.39 -38.76
N GLU B 278 -4.96 -3.06 -39.88
CA GLU B 278 -5.53 -4.01 -40.84
C GLU B 278 -6.31 -5.10 -40.09
#